data_1C5O
#
_entry.id   1C5O
#
_cell.length_a   71.460
_cell.length_b   71.820
_cell.length_c   72.850
_cell.angle_alpha   90.00
_cell.angle_beta   100.90
_cell.angle_gamma   90.00
#
_symmetry.space_group_name_H-M   'C 1 2 1'
#
loop_
_entity.id
_entity.type
_entity.pdbx_description
1 polymer 'Thrombin light chain'
2 polymer 'Thrombin heavy chain'
3 polymer Hirudin
4 non-polymer 'SODIUM ION'
5 non-polymer BENZAMIDINE
6 water water
#
loop_
_entity_poly.entity_id
_entity_poly.type
_entity_poly.pdbx_seq_one_letter_code
_entity_poly.pdbx_strand_id
1 'polypeptide(L)' TFGSGEADCGLRPLFEKKSLEDKTERELLESYIDGR L
2 'polypeptide(L)'
;IVEGSDAEIGMSPWQVMLFRKSPQELLCGASLISDRWVLTAAHCLLYPPWDKNFTENDLLVRIGKHSRTRYERNIEKISM
LEKIYIHPRYNWRENLDRDIALMKLKKPVAFSDYIHPVCLPDRETAASLLQAGYKGRVTGWGNLKETWTANVGKGQPSVL
QVVNLPIVERPVCKDSTRIRITDNMFCAGYKPDEGKRGDACEGDSGGPFVMKSPFNNRWYQMGIVSWGEGCDRDGKYGFY
THVFRLKKWIQKVIDQFGE
;
H
3 'polypeptide(L)' DFEEIPEE(TYS)LQ I
#
loop_
_chem_comp.id
_chem_comp.type
_chem_comp.name
_chem_comp.formula
BEN non-polymer BENZAMIDINE 'C7 H8 N2'
NA non-polymer 'SODIUM ION' 'Na 1'
#
# COMPACT_ATOMS: atom_id res chain seq x y z
N THR A 1 -0.49 5.06 -13.32
CA THR A 1 -1.34 4.15 -14.09
C THR A 1 -0.43 3.09 -14.70
N PHE A 2 0.56 3.48 -15.46
CA PHE A 2 1.46 2.47 -16.09
C PHE A 2 2.90 2.77 -15.71
N GLY A 3 3.76 2.38 -16.62
CA GLY A 3 5.22 2.58 -16.48
C GLY A 3 5.54 3.90 -15.87
N SER A 4 6.42 3.82 -14.92
CA SER A 4 6.86 5.00 -14.19
C SER A 4 5.69 5.89 -13.74
N GLY A 5 4.58 5.24 -13.51
CA GLY A 5 3.37 5.93 -13.05
C GLY A 5 2.24 6.51 -13.87
N GLU A 6 2.13 7.80 -13.77
CA GLU A 6 1.07 8.54 -14.48
C GLU A 6 1.55 9.74 -15.29
N ALA A 7 2.42 10.51 -14.71
CA ALA A 7 2.98 11.74 -15.39
C ALA A 7 3.54 12.65 -14.32
N ASP A 8 2.73 12.98 -13.38
CA ASP A 8 3.20 13.87 -12.29
C ASP A 8 3.21 13.05 -11.02
N CYS A 9 3.20 11.76 -11.21
CA CYS A 9 3.18 10.85 -10.05
C CYS A 9 4.46 10.88 -9.21
N GLY A 10 4.28 10.50 -7.99
CA GLY A 10 5.40 10.44 -7.02
C GLY A 10 5.82 11.76 -6.49
N LEU A 11 5.28 12.84 -6.99
CA LEU A 11 5.69 14.18 -6.47
C LEU A 11 4.55 14.76 -5.62
N ARG A 12 4.70 14.51 -4.35
CA ARG A 12 3.73 14.97 -3.32
C ARG A 12 3.67 16.51 -3.33
N PRO A 13 2.49 17.06 -3.47
CA PRO A 13 2.22 18.49 -3.26
C PRO A 13 2.85 19.25 -2.10
N LEU A 14 2.70 18.71 -0.94
CA LEU A 14 3.27 19.40 0.25
C LEU A 14 4.71 19.13 0.54
N PHE A 15 5.34 18.43 -0.35
CA PHE A 15 6.80 18.09 -0.14
C PHE A 15 7.71 18.30 -1.35
N GLU A 16 7.68 17.38 -2.29
CA GLU A 16 8.54 17.55 -3.47
C GLU A 16 8.18 18.80 -4.20
N LYS A 17 6.92 19.01 -4.41
CA LYS A 17 6.53 20.25 -5.12
C LYS A 17 6.92 21.49 -4.29
N LYS A 18 7.39 21.39 -3.07
CA LYS A 18 7.75 22.66 -2.36
C LYS A 18 9.12 22.48 -1.85
N SER A 19 9.79 21.52 -2.40
CA SER A 19 11.19 21.22 -1.99
C SER A 19 11.27 21.04 -0.43
N LEU A 20 10.25 20.48 0.16
CA LEU A 20 10.27 20.26 1.63
C LEU A 20 10.44 18.74 1.81
N GLU A 21 11.11 18.34 2.86
CA GLU A 21 11.31 16.89 3.08
C GLU A 21 10.51 16.50 4.30
N ASP A 22 10.06 15.27 4.32
CA ASP A 22 9.25 14.78 5.48
C ASP A 22 10.36 14.24 6.41
N LYS A 23 10.09 14.15 7.68
CA LYS A 23 11.17 13.66 8.58
C LYS A 23 11.91 12.38 8.32
N THR A 24 11.29 11.30 7.97
CA THR A 24 12.12 10.08 7.74
C THR A 24 12.56 9.78 6.29
N GLU A 25 12.29 10.60 5.31
CA GLU A 25 12.76 10.17 3.96
C GLU A 25 14.26 10.11 3.90
N ARG A 26 14.95 10.93 4.66
CA ARG A 26 16.45 10.89 4.66
C ARG A 26 16.90 9.45 4.94
N GLU A 27 16.21 8.83 5.84
CA GLU A 27 16.57 7.43 6.21
C GLU A 27 16.68 6.55 4.97
N LEU A 28 15.65 6.59 4.19
CA LEU A 28 15.58 5.78 2.95
C LEU A 28 16.76 6.02 2.02
N LEU A 29 16.85 7.22 1.54
CA LEU A 29 17.95 7.63 0.60
C LEU A 29 19.28 7.22 1.18
N GLU A 30 19.39 7.39 2.44
CA GLU A 30 20.66 6.99 3.08
C GLU A 30 20.90 5.49 2.91
N SER A 31 19.86 4.72 2.87
CA SER A 31 20.04 3.25 2.72
C SER A 31 20.20 2.82 1.29
N TYR A 32 20.28 3.73 0.36
CA TYR A 32 20.47 3.27 -1.06
C TYR A 32 21.87 3.82 -1.14
N ILE A 33 22.69 3.30 -0.27
CA ILE A 33 24.13 3.66 -0.11
C ILE A 33 24.41 5.19 -0.32
N ASP A 34 23.44 5.91 0.19
CA ASP A 34 23.35 7.39 0.20
C ASP A 34 22.97 7.98 -1.15
N GLY A 35 22.17 9.00 -1.10
CA GLY A 35 21.72 9.67 -2.36
C GLY A 35 22.15 11.14 -2.34
N ARG A 36 22.46 11.62 -3.51
CA ARG A 36 22.91 13.00 -3.89
C ARG A 36 24.44 12.96 -3.89
N ILE B 1 0.26 -0.62 12.04
CA ILE B 1 1.71 -0.63 11.79
C ILE B 1 2.22 -0.79 13.22
N VAL B 2 3.17 -1.64 13.47
CA VAL B 2 3.68 -1.81 14.87
C VAL B 2 5.01 -1.05 14.87
N GLU B 3 5.27 -0.30 15.91
CA GLU B 3 6.53 0.50 16.06
C GLU B 3 6.79 1.44 14.90
N GLY B 4 5.75 2.07 14.51
CA GLY B 4 5.73 3.06 13.38
C GLY B 4 5.24 4.33 14.08
N SER B 5 5.26 5.45 13.42
CA SER B 5 4.80 6.72 14.07
C SER B 5 3.69 7.31 13.26
N ASP B 6 3.16 8.40 13.77
CA ASP B 6 2.05 9.07 13.06
C ASP B 6 2.63 9.65 11.80
N ALA B 7 1.83 9.74 10.77
CA ALA B 7 2.30 10.29 9.46
C ALA B 7 2.19 11.81 9.51
N GLU B 8 2.60 12.43 8.46
CA GLU B 8 2.55 13.91 8.40
C GLU B 8 1.39 14.16 7.46
N ILE B 9 0.79 15.28 7.59
CA ILE B 9 -0.35 15.55 6.68
C ILE B 9 0.31 15.58 5.28
N GLY B 10 -0.37 15.04 4.33
CA GLY B 10 0.15 15.01 2.94
C GLY B 10 1.46 14.23 2.72
N MET B 11 1.75 13.28 3.57
CA MET B 11 3.01 12.48 3.42
C MET B 11 2.74 11.29 2.47
N SER B 12 1.59 10.65 2.57
CA SER B 12 1.28 9.51 1.66
C SER B 12 -0.04 9.76 0.91
N PRO B 13 -0.05 10.78 0.06
CA PRO B 13 -1.25 11.22 -0.69
C PRO B 13 -1.96 10.16 -1.47
N TRP B 14 -1.23 9.15 -1.75
CA TRP B 14 -1.80 8.01 -2.52
C TRP B 14 -2.39 6.95 -1.62
N GLN B 15 -2.35 7.13 -0.33
CA GLN B 15 -2.92 6.09 0.54
C GLN B 15 -4.42 6.16 0.50
N VAL B 16 -5.01 5.02 0.30
CA VAL B 16 -6.48 4.87 0.23
C VAL B 16 -6.87 4.02 1.41
N MET B 17 -8.11 4.09 1.69
CA MET B 17 -8.65 3.31 2.82
C MET B 17 -9.76 2.57 2.16
N LEU B 18 -9.94 1.31 2.39
CA LEU B 18 -11.09 0.61 1.71
C LEU B 18 -12.00 0.58 2.93
N PHE B 19 -13.20 1.07 2.76
CA PHE B 19 -14.15 1.10 3.90
C PHE B 19 -15.33 0.29 3.50
N ARG B 20 -15.94 -0.38 4.44
CA ARG B 20 -17.13 -1.22 4.07
C ARG B 20 -18.36 -0.39 4.42
N LYS B 21 -19.45 -0.76 3.83
CA LYS B 21 -20.67 0.00 4.13
C LYS B 21 -21.31 -0.55 5.38
N SER B 22 -21.89 -1.71 5.36
CA SER B 22 -22.52 -2.21 6.62
C SER B 22 -21.83 -3.53 6.96
N PRO B 23 -21.41 -3.71 8.19
CA PRO B 23 -21.02 -2.60 9.10
C PRO B 23 -19.95 -1.66 8.51
N GLN B 24 -19.96 -0.45 8.97
CA GLN B 24 -19.01 0.59 8.51
C GLN B 24 -17.70 0.31 9.26
N GLU B 25 -16.82 -0.36 8.58
CA GLU B 25 -15.48 -0.71 9.16
C GLU B 25 -14.35 -0.69 8.10
N LEU B 26 -13.16 -0.48 8.60
CA LEU B 26 -11.96 -0.42 7.74
C LEU B 26 -11.78 -1.87 7.37
N LEU B 27 -11.29 -2.04 6.20
CA LEU B 27 -11.03 -3.40 5.64
C LEU B 27 -9.55 -3.59 5.29
N CYS B 28 -9.06 -2.73 4.46
CA CYS B 28 -7.65 -2.74 3.98
C CYS B 28 -7.24 -1.32 3.57
N GLY B 29 -6.06 -1.21 3.05
CA GLY B 29 -5.52 0.08 2.58
C GLY B 29 -5.42 -0.16 1.05
N ALA B 30 -4.99 0.80 0.29
CA ALA B 30 -4.89 0.59 -1.15
C ALA B 30 -4.12 1.81 -1.62
N SER B 31 -3.75 1.92 -2.85
CA SER B 31 -2.99 3.11 -3.32
C SER B 31 -3.74 3.63 -4.52
N LEU B 32 -3.53 4.87 -4.81
CA LEU B 32 -4.19 5.57 -5.94
C LEU B 32 -3.08 5.61 -6.98
N ILE B 33 -3.34 5.10 -8.19
CA ILE B 33 -2.29 5.09 -9.28
C ILE B 33 -2.67 6.03 -10.43
N SER B 34 -3.93 6.30 -10.63
CA SER B 34 -4.37 7.25 -11.71
C SER B 34 -5.65 7.84 -11.11
N ASP B 35 -6.32 8.74 -11.77
CA ASP B 35 -7.55 9.30 -11.12
C ASP B 35 -8.73 8.34 -11.08
N ARG B 36 -8.58 7.17 -11.63
CA ARG B 36 -9.71 6.20 -11.60
C ARG B 36 -9.26 4.86 -11.05
N TRP B 37 -7.98 4.65 -10.81
CA TRP B 37 -7.64 3.30 -10.30
C TRP B 37 -6.98 3.15 -8.97
N VAL B 38 -7.51 2.21 -8.25
CA VAL B 38 -6.96 1.95 -6.91
C VAL B 38 -6.36 0.54 -7.04
N LEU B 39 -5.30 0.37 -6.32
CA LEU B 39 -4.57 -0.91 -6.33
C LEU B 39 -4.55 -1.49 -4.90
N THR B 40 -5.03 -2.71 -4.72
CA THR B 40 -4.99 -3.28 -3.34
C THR B 40 -4.56 -4.75 -3.46
N ALA B 41 -4.63 -5.44 -2.37
CA ALA B 41 -4.26 -6.87 -2.30
C ALA B 41 -5.54 -7.70 -2.51
N ALA B 42 -5.48 -8.64 -3.41
CA ALA B 42 -6.67 -9.47 -3.66
C ALA B 42 -7.21 -10.11 -2.40
N HIS B 43 -6.43 -10.49 -1.42
CA HIS B 43 -7.15 -11.10 -0.28
C HIS B 43 -7.94 -10.10 0.57
N CYS B 44 -8.16 -8.90 0.09
CA CYS B 44 -8.97 -7.90 0.89
C CYS B 44 -10.37 -8.02 0.38
N LEU B 45 -10.47 -8.64 -0.77
CA LEU B 45 -11.79 -8.83 -1.43
C LEU B 45 -12.26 -10.24 -1.50
N LEU B 46 -11.37 -11.14 -1.77
CA LEU B 46 -11.76 -12.58 -1.89
C LEU B 46 -10.91 -13.48 -1.01
N TYR B 47 -11.43 -14.10 0.00
CA TYR B 47 -10.60 -15.00 0.84
C TYR B 47 -11.61 -16.04 1.31
N PRO B 48 -11.94 -16.99 0.44
CA PRO B 48 -12.88 -18.12 0.65
C PRO B 48 -12.84 -18.96 1.93
N PRO B 49 -11.65 -19.23 2.43
CA PRO B 49 -11.48 -19.82 3.78
C PRO B 49 -12.29 -19.08 4.87
N TRP B 50 -12.56 -17.82 4.64
CA TRP B 50 -13.35 -16.99 5.61
C TRP B 50 -14.56 -16.45 4.88
N ASP B 51 -14.92 -17.10 3.83
CA ASP B 51 -16.10 -16.63 3.04
C ASP B 51 -16.04 -15.13 2.75
N LYS B 52 -14.91 -14.65 2.38
CA LYS B 52 -14.79 -13.20 2.09
C LYS B 52 -14.85 -13.19 0.58
N ASN B 53 -15.69 -12.36 0.07
CA ASN B 53 -15.91 -12.19 -1.39
C ASN B 53 -16.73 -10.92 -1.47
N PHE B 54 -16.06 -9.81 -1.50
CA PHE B 54 -16.77 -8.51 -1.58
C PHE B 54 -16.94 -8.18 -3.03
N THR B 55 -17.94 -7.38 -3.22
CA THR B 55 -18.33 -6.91 -4.56
C THR B 55 -18.40 -5.39 -4.53
N GLU B 56 -18.41 -4.84 -5.71
CA GLU B 56 -18.49 -3.35 -5.92
C GLU B 56 -19.38 -2.69 -4.83
N ASN B 57 -20.61 -3.09 -4.94
CA ASN B 57 -21.73 -2.64 -4.07
C ASN B 57 -21.47 -2.66 -2.59
N ASP B 58 -20.42 -3.34 -2.20
CA ASP B 58 -20.10 -3.42 -0.75
C ASP B 58 -18.98 -2.56 -0.27
N LEU B 59 -18.27 -1.89 -1.14
CA LEU B 59 -17.13 -1.06 -0.63
C LEU B 59 -17.17 0.43 -1.02
N LEU B 60 -16.44 1.20 -0.30
CA LEU B 60 -16.33 2.64 -0.54
C LEU B 60 -14.83 2.81 -0.48
N VAL B 61 -14.33 3.77 -1.17
CA VAL B 61 -12.87 4.04 -1.17
C VAL B 61 -12.75 5.43 -0.55
N ARG B 62 -11.97 5.60 0.48
CA ARG B 62 -11.86 6.96 1.08
C ARG B 62 -10.43 7.39 0.80
N ILE B 63 -10.35 8.42 0.02
CA ILE B 63 -9.07 9.01 -0.38
C ILE B 63 -8.89 10.35 0.29
N GLY B 64 -7.72 10.58 0.78
CA GLY B 64 -7.38 11.86 1.45
C GLY B 64 -7.29 11.75 2.96
N LYS B 65 -7.54 10.62 3.55
CA LYS B 65 -7.47 10.55 5.03
C LYS B 65 -6.11 10.70 5.67
N HIS B 66 -6.23 10.85 6.94
CA HIS B 66 -5.11 11.03 7.88
C HIS B 66 -5.64 10.25 9.12
N SER B 67 -6.78 10.72 9.54
CA SER B 67 -7.54 10.17 10.70
C SER B 67 -8.23 8.85 10.21
N ARG B 68 -8.36 7.90 11.09
CA ARG B 68 -8.98 6.62 10.73
C ARG B 68 -10.50 6.67 10.88
N THR B 69 -10.93 7.11 12.02
CA THR B 69 -12.39 7.18 12.26
C THR B 69 -13.11 8.47 11.97
N ARG B 70 -12.48 9.49 11.43
CA ARG B 70 -13.25 10.73 11.19
C ARG B 70 -13.47 11.10 9.77
N TYR B 71 -14.70 11.46 9.51
CA TYR B 71 -15.05 11.85 8.12
C TYR B 71 -14.41 13.22 7.98
N GLU B 72 -13.21 13.33 7.44
CA GLU B 72 -12.53 14.65 7.29
C GLU B 72 -13.22 15.51 6.21
N ARG B 73 -14.35 16.03 6.60
CA ARG B 73 -15.21 16.91 5.73
C ARG B 73 -14.29 17.89 5.02
N ASN B 74 -14.53 18.05 3.75
CA ASN B 74 -13.76 18.98 2.85
C ASN B 74 -12.33 18.58 2.56
N ILE B 75 -11.89 17.48 3.07
CA ILE B 75 -10.50 17.03 2.80
C ILE B 75 -10.50 15.68 2.11
N GLU B 76 -11.29 14.75 2.56
CA GLU B 76 -11.27 13.42 1.87
C GLU B 76 -12.36 13.31 0.87
N LYS B 77 -12.22 12.39 -0.03
CA LYS B 77 -13.22 12.15 -1.09
C LYS B 77 -13.54 10.66 -0.86
N ILE B 78 -14.74 10.28 -1.14
CA ILE B 78 -15.24 8.89 -0.98
C ILE B 78 -15.77 8.53 -2.36
N SER B 79 -15.24 7.52 -2.97
CA SER B 79 -15.73 7.15 -4.33
C SER B 79 -16.38 5.80 -4.19
N MET B 80 -17.04 5.44 -5.24
CA MET B 80 -17.73 4.13 -5.27
C MET B 80 -16.97 3.39 -6.35
N LEU B 81 -17.12 2.11 -6.40
CA LEU B 81 -16.38 1.34 -7.41
C LEU B 81 -17.22 1.03 -8.60
N GLU B 82 -16.56 0.80 -9.69
CA GLU B 82 -17.26 0.47 -10.95
C GLU B 82 -16.93 -1.00 -11.19
N LYS B 83 -15.66 -1.33 -11.17
CA LYS B 83 -15.28 -2.77 -11.41
C LYS B 83 -14.08 -3.13 -10.55
N ILE B 84 -14.00 -4.38 -10.19
CA ILE B 84 -12.90 -4.94 -9.33
C ILE B 84 -12.32 -6.01 -10.20
N TYR B 85 -11.04 -6.10 -10.17
CA TYR B 85 -10.34 -7.12 -10.99
C TYR B 85 -9.41 -7.80 -10.05
N ILE B 86 -9.41 -9.10 -10.02
CA ILE B 86 -8.51 -9.84 -9.11
C ILE B 86 -7.54 -10.48 -10.12
N HIS B 87 -6.35 -10.80 -9.71
CA HIS B 87 -5.41 -11.41 -10.69
C HIS B 87 -6.01 -12.81 -11.02
N PRO B 88 -6.15 -13.18 -12.28
CA PRO B 88 -6.66 -14.51 -12.67
C PRO B 88 -5.87 -15.67 -12.06
N ARG B 89 -4.76 -15.42 -11.44
CA ARG B 89 -4.00 -16.57 -10.86
C ARG B 89 -3.62 -16.34 -9.40
N TYR B 90 -4.44 -15.54 -8.75
CA TYR B 90 -4.23 -15.20 -7.30
C TYR B 90 -4.37 -16.62 -6.72
N ASN B 91 -3.51 -16.97 -5.81
CA ASN B 91 -3.60 -18.34 -5.23
C ASN B 91 -3.94 -18.18 -3.76
N TRP B 92 -5.19 -18.40 -3.45
CA TRP B 92 -5.66 -18.26 -2.04
C TRP B 92 -5.73 -19.60 -1.39
N ARG B 93 -5.28 -20.56 -2.13
CA ARG B 93 -5.32 -21.91 -1.57
C ARG B 93 -4.01 -22.18 -0.90
N GLU B 94 -2.96 -21.77 -1.54
CA GLU B 94 -1.63 -22.04 -0.92
C GLU B 94 -0.81 -20.94 -0.28
N ASN B 95 -0.24 -20.01 -1.01
CA ASN B 95 0.58 -18.94 -0.35
C ASN B 95 0.27 -17.49 -0.69
N LEU B 96 -0.92 -17.19 -1.16
CA LEU B 96 -1.28 -15.78 -1.50
C LEU B 96 -0.30 -15.18 -2.48
N ASP B 97 -0.02 -15.98 -3.46
CA ASP B 97 0.91 -15.59 -4.55
C ASP B 97 -0.04 -14.82 -5.49
N ARG B 98 0.49 -13.81 -6.13
CA ARG B 98 -0.28 -12.93 -7.08
C ARG B 98 -1.44 -12.37 -6.31
N ASP B 99 -1.04 -11.76 -5.24
CA ASP B 99 -2.05 -11.14 -4.34
C ASP B 99 -2.19 -9.68 -4.79
N ILE B 100 -2.93 -9.46 -5.83
CA ILE B 100 -3.09 -8.09 -6.34
C ILE B 100 -4.46 -7.91 -6.99
N ALA B 101 -5.08 -6.77 -6.85
CA ALA B 101 -6.41 -6.55 -7.47
C ALA B 101 -6.47 -5.06 -7.77
N LEU B 102 -7.19 -4.78 -8.80
CA LEU B 102 -7.40 -3.37 -9.30
C LEU B 102 -8.88 -2.98 -9.18
N MET B 103 -9.14 -1.78 -8.74
CA MET B 103 -10.57 -1.35 -8.60
C MET B 103 -10.60 -0.07 -9.41
N LYS B 104 -11.66 0.04 -10.14
CA LYS B 104 -11.91 1.21 -11.01
C LYS B 104 -12.98 1.97 -10.23
N LEU B 105 -12.85 3.27 -10.19
CA LEU B 105 -13.83 4.11 -9.44
C LEU B 105 -14.99 4.49 -10.33
N LYS B 106 -16.07 4.85 -9.71
CA LYS B 106 -17.29 5.24 -10.52
C LYS B 106 -16.95 6.46 -11.40
N LYS B 107 -16.37 7.45 -10.80
CA LYS B 107 -15.98 8.69 -11.54
C LYS B 107 -14.56 8.95 -11.12
N PRO B 108 -13.82 9.69 -11.90
CA PRO B 108 -12.39 10.02 -11.57
C PRO B 108 -12.32 10.85 -10.31
N VAL B 109 -11.16 10.96 -9.74
CA VAL B 109 -11.04 11.76 -8.50
C VAL B 109 -10.27 12.98 -8.87
N ALA B 110 -10.40 13.99 -8.05
CA ALA B 110 -9.69 15.26 -8.31
C ALA B 110 -8.56 15.18 -7.32
N PHE B 111 -7.35 15.49 -7.74
CA PHE B 111 -6.17 15.43 -6.82
C PHE B 111 -6.12 16.76 -6.10
N SER B 112 -5.42 16.81 -5.02
CA SER B 112 -5.32 18.07 -4.24
C SER B 112 -3.95 17.91 -3.63
N ASP B 113 -3.79 18.34 -2.42
CA ASP B 113 -2.52 18.27 -1.66
C ASP B 113 -2.61 17.05 -0.77
N TYR B 114 -3.79 16.47 -0.73
CA TYR B 114 -4.06 15.27 0.09
C TYR B 114 -4.33 14.09 -0.77
N ILE B 115 -4.60 14.30 -2.03
CA ILE B 115 -4.88 13.19 -2.96
C ILE B 115 -3.94 13.41 -4.16
N HIS B 116 -3.06 12.48 -4.44
CA HIS B 116 -2.09 12.58 -5.58
C HIS B 116 -1.73 11.12 -5.86
N PRO B 117 -1.50 10.66 -7.06
CA PRO B 117 -1.14 9.24 -7.31
C PRO B 117 0.36 8.98 -7.20
N VAL B 118 0.68 7.73 -7.02
CA VAL B 118 2.06 7.21 -6.87
C VAL B 118 2.50 6.63 -8.21
N CYS B 119 3.78 6.43 -8.40
CA CYS B 119 4.18 5.87 -9.69
C CYS B 119 4.35 4.40 -9.56
N LEU B 120 4.14 3.72 -10.65
CA LEU B 120 4.28 2.24 -10.64
C LEU B 120 5.66 2.05 -11.25
N PRO B 121 6.40 1.10 -10.77
CA PRO B 121 7.83 1.06 -11.03
C PRO B 121 8.06 0.56 -12.47
N ASP B 122 9.22 0.89 -12.99
CA ASP B 122 9.63 0.49 -14.38
C ASP B 122 10.86 -0.43 -14.10
N ARG B 123 11.06 -1.43 -14.96
CA ARG B 123 12.18 -2.43 -14.86
C ARG B 123 13.47 -1.84 -14.31
N GLU B 124 13.87 -0.72 -14.81
CA GLU B 124 15.13 -0.12 -14.31
C GLU B 124 15.00 0.28 -12.82
N THR B 125 13.99 1.03 -12.47
CA THR B 125 13.82 1.44 -11.05
C THR B 125 13.67 0.18 -10.20
N ALA B 126 12.91 -0.75 -10.68
CA ALA B 126 12.72 -1.99 -9.88
C ALA B 126 14.12 -2.58 -9.62
N ALA B 127 14.82 -2.73 -10.69
CA ALA B 127 16.18 -3.30 -10.58
C ALA B 127 17.06 -2.55 -9.63
N SER B 128 17.11 -1.28 -9.73
CA SER B 128 18.00 -0.52 -8.84
C SER B 128 17.54 -0.31 -7.42
N LEU B 129 16.26 -0.30 -7.12
CA LEU B 129 15.93 -0.07 -5.68
C LEU B 129 15.66 -1.37 -4.91
N LEU B 130 15.23 -2.43 -5.54
CA LEU B 130 14.97 -3.66 -4.75
C LEU B 130 16.25 -4.43 -4.41
N GLN B 131 17.02 -3.88 -3.52
CA GLN B 131 18.26 -4.60 -3.16
C GLN B 131 18.08 -4.75 -1.68
N ALA B 132 18.69 -5.78 -1.19
CA ALA B 132 18.58 -6.02 0.25
C ALA B 132 19.25 -4.92 1.05
N GLY B 133 18.57 -4.37 2.02
CA GLY B 133 19.18 -3.30 2.86
C GLY B 133 18.63 -1.93 2.55
N TYR B 134 18.01 -1.82 1.43
CA TYR B 134 17.43 -0.55 1.00
C TYR B 134 16.15 -0.52 1.76
N LYS B 135 15.79 0.62 2.23
CA LYS B 135 14.52 0.72 3.00
C LYS B 135 13.36 1.24 2.15
N GLY B 136 12.21 0.75 2.52
CA GLY B 136 10.92 1.08 1.87
C GLY B 136 10.05 1.53 3.01
N ARG B 137 8.94 2.14 2.69
CA ARG B 137 8.02 2.65 3.75
C ARG B 137 6.68 2.04 3.53
N VAL B 138 6.01 1.76 4.62
CA VAL B 138 4.62 1.17 4.57
C VAL B 138 3.75 2.12 5.43
N THR B 139 2.49 2.20 5.09
CA THR B 139 1.58 3.08 5.87
C THR B 139 0.25 2.39 6.03
N GLY B 140 -0.48 2.79 7.04
CA GLY B 140 -1.82 2.14 7.24
C GLY B 140 -2.37 2.51 8.59
N TRP B 141 -3.63 2.27 8.67
CA TRP B 141 -4.53 2.52 9.84
C TRP B 141 -4.85 1.19 10.49
N GLY B 142 -3.89 0.34 10.33
CA GLY B 142 -4.02 -1.04 10.87
C GLY B 142 -3.70 -1.02 12.32
N ASN B 143 -3.67 -2.21 12.86
CA ASN B 143 -3.38 -2.35 14.30
C ASN B 143 -2.00 -1.88 14.64
N LEU B 144 -1.82 -1.71 15.92
CA LEU B 144 -0.51 -1.24 16.48
C LEU B 144 0.24 -2.37 17.19
N LYS B 145 -0.43 -3.42 17.49
CA LYS B 145 0.17 -4.59 18.17
C LYS B 145 -0.52 -5.79 17.56
N GLU B 146 0.07 -6.95 17.74
CA GLU B 146 -0.51 -8.21 17.17
C GLU B 146 -1.83 -8.44 17.88
N THR B 147 -1.78 -8.18 19.15
CA THR B 147 -2.89 -8.30 20.12
C THR B 147 -2.44 -7.29 21.21
N GLY B 155 -5.53 -0.32 21.05
CA GLY B 155 -4.31 -0.55 20.18
C GLY B 155 -4.59 -0.40 18.66
N GLN B 156 -5.31 0.63 18.30
CA GLN B 156 -5.67 0.96 16.88
C GLN B 156 -5.34 2.46 16.92
N PRO B 157 -4.88 3.04 15.84
CA PRO B 157 -4.35 4.42 15.85
C PRO B 157 -5.39 5.38 15.36
N SER B 158 -5.24 6.62 15.72
CA SER B 158 -6.26 7.59 15.25
C SER B 158 -5.80 8.15 13.91
N VAL B 159 -4.51 8.21 13.80
CA VAL B 159 -3.83 8.73 12.60
C VAL B 159 -3.11 7.62 11.76
N LEU B 160 -2.79 7.96 10.52
CA LEU B 160 -2.09 7.05 9.55
C LEU B 160 -0.68 6.85 10.09
N GLN B 161 -0.21 5.63 10.15
CA GLN B 161 1.17 5.41 10.70
C GLN B 161 2.17 5.14 9.58
N VAL B 162 3.42 5.34 9.88
CA VAL B 162 4.51 5.12 8.88
C VAL B 162 5.65 4.38 9.60
N VAL B 163 6.29 3.49 8.88
CA VAL B 163 7.43 2.72 9.44
C VAL B 163 8.26 2.54 8.17
N ASN B 164 9.55 2.49 8.32
CA ASN B 164 10.50 2.31 7.15
C ASN B 164 11.17 0.98 7.43
N LEU B 165 11.08 0.10 6.48
CA LEU B 165 11.68 -1.24 6.67
C LEU B 165 12.65 -1.59 5.59
N PRO B 166 13.69 -2.28 5.95
CA PRO B 166 14.65 -2.84 4.98
C PRO B 166 14.28 -4.11 4.23
N ILE B 167 14.70 -4.20 3.01
CA ILE B 167 14.40 -5.40 2.17
C ILE B 167 15.33 -6.44 2.68
N VAL B 168 14.83 -7.64 2.76
CA VAL B 168 15.62 -8.80 3.27
C VAL B 168 15.95 -9.70 2.07
N GLU B 169 16.98 -10.48 2.26
CA GLU B 169 17.46 -11.41 1.18
C GLU B 169 16.50 -12.61 1.09
N ARG B 170 16.14 -12.90 -0.11
CA ARG B 170 15.22 -14.04 -0.35
C ARG B 170 15.50 -15.28 0.49
N PRO B 171 16.71 -15.82 0.49
CA PRO B 171 17.06 -16.96 1.40
C PRO B 171 16.56 -16.79 2.84
N VAL B 172 16.76 -15.62 3.34
CA VAL B 172 16.32 -15.31 4.73
C VAL B 172 14.78 -15.30 4.73
N CYS B 173 14.22 -14.64 3.76
CA CYS B 173 12.76 -14.60 3.69
C CYS B 173 12.21 -16.04 3.70
N LYS B 174 12.90 -16.90 3.03
CA LYS B 174 12.48 -18.32 2.93
C LYS B 174 12.85 -19.14 4.17
N ASP B 175 13.92 -18.83 4.82
CA ASP B 175 14.27 -19.63 6.02
C ASP B 175 13.65 -19.12 7.27
N SER B 176 12.62 -18.33 7.13
CA SER B 176 11.88 -17.72 8.29
C SER B 176 10.47 -18.32 8.36
N THR B 177 10.04 -18.89 7.25
CA THR B 177 8.68 -19.51 7.18
C THR B 177 8.72 -20.89 6.57
N ARG B 178 7.56 -21.50 6.63
CA ARG B 178 7.29 -22.86 6.12
C ARG B 178 6.44 -22.63 4.86
N ILE B 179 6.21 -21.41 4.46
CA ILE B 179 5.36 -21.25 3.23
C ILE B 179 6.28 -21.15 2.03
N ARG B 180 5.73 -21.50 0.92
CA ARG B 180 6.51 -21.46 -0.34
C ARG B 180 6.52 -19.98 -0.80
N ILE B 181 7.65 -19.36 -0.80
CA ILE B 181 7.79 -17.93 -1.21
C ILE B 181 7.97 -18.09 -2.71
N THR B 182 7.40 -17.22 -3.52
CA THR B 182 7.56 -17.34 -5.01
C THR B 182 8.27 -16.09 -5.54
N ASP B 183 8.43 -15.99 -6.84
CA ASP B 183 9.12 -14.78 -7.39
C ASP B 183 8.31 -13.53 -7.29
N ASN B 184 7.04 -13.71 -7.04
CA ASN B 184 6.11 -12.52 -6.93
C ASN B 184 5.97 -12.04 -5.50
N MET B 185 6.94 -12.31 -4.70
CA MET B 185 6.88 -11.87 -3.30
C MET B 185 8.25 -11.37 -2.94
N PHE B 186 8.31 -10.64 -1.88
CA PHE B 186 9.60 -10.12 -1.39
C PHE B 186 9.32 -9.87 0.09
N CYS B 187 10.29 -9.78 0.96
CA CYS B 187 9.95 -9.54 2.38
C CYS B 187 10.85 -8.43 2.89
N ALA B 188 10.39 -7.77 3.92
CA ALA B 188 11.17 -6.66 4.49
C ALA B 188 11.05 -6.74 5.96
N GLY B 189 12.06 -6.24 6.61
CA GLY B 189 12.01 -6.26 8.08
C GLY B 189 13.39 -6.35 8.61
N TYR B 190 13.50 -5.97 9.85
CA TYR B 190 14.82 -5.99 10.51
C TYR B 190 15.03 -7.39 11.05
N LYS B 191 16.29 -7.70 11.21
CA LYS B 191 16.68 -9.05 11.75
C LYS B 191 16.55 -8.87 13.27
N PRO B 192 16.26 -9.91 14.01
CA PRO B 192 16.19 -9.84 15.51
C PRO B 192 17.42 -9.11 16.05
N ASP B 193 18.43 -9.37 15.30
CA ASP B 193 19.80 -8.84 15.51
C ASP B 193 19.92 -7.32 15.37
N GLU B 194 19.23 -6.76 14.42
CA GLU B 194 19.34 -5.27 14.21
C GLU B 194 18.63 -4.34 15.17
N GLY B 195 18.35 -4.79 16.37
CA GLY B 195 17.64 -3.94 17.39
C GLY B 195 16.79 -2.73 16.88
N LYS B 196 15.98 -2.98 15.90
CA LYS B 196 15.08 -1.95 15.29
C LYS B 196 13.86 -2.81 15.05
N ARG B 197 12.69 -2.29 15.21
CA ARG B 197 11.47 -3.12 14.98
C ARG B 197 10.68 -2.41 13.91
N GLY B 198 9.46 -2.83 13.85
CA GLY B 198 8.50 -2.28 12.88
C GLY B 198 8.05 -3.40 12.03
N ASP B 199 6.88 -3.21 11.48
CA ASP B 199 6.25 -4.20 10.58
C ASP B 199 4.84 -3.69 10.32
N ALA B 200 4.13 -4.36 9.47
CA ALA B 200 2.74 -3.97 9.15
C ALA B 200 1.99 -4.94 9.97
N CYS B 201 0.71 -4.83 9.97
CA CYS B 201 -0.08 -5.76 10.76
C CYS B 201 -1.46 -5.77 10.17
N GLU B 202 -2.32 -6.47 10.87
CA GLU B 202 -3.75 -6.61 10.46
C GLU B 202 -4.31 -5.20 10.24
N GLY B 203 -5.07 -5.01 9.20
CA GLY B 203 -5.64 -3.66 8.92
C GLY B 203 -4.77 -2.95 7.91
N ASP B 204 -3.57 -3.40 7.72
CA ASP B 204 -2.68 -2.71 6.72
C ASP B 204 -2.66 -3.43 5.37
N SER B 205 -3.10 -4.65 5.33
CA SER B 205 -3.13 -5.43 4.06
C SER B 205 -3.66 -4.56 2.89
N GLY B 206 -3.08 -4.72 1.75
CA GLY B 206 -3.52 -3.95 0.58
C GLY B 206 -2.86 -2.66 0.43
N GLY B 207 -2.12 -2.20 1.38
CA GLY B 207 -1.48 -0.86 1.16
C GLY B 207 -0.19 -0.92 0.43
N PRO B 208 0.36 0.25 0.21
CA PRO B 208 1.62 0.43 -0.53
C PRO B 208 2.89 0.35 0.30
N PHE B 209 3.89 -0.09 -0.40
CA PHE B 209 5.27 -0.25 0.16
C PHE B 209 5.91 0.66 -0.87
N VAL B 210 6.43 1.80 -0.49
CA VAL B 210 7.02 2.66 -1.51
C VAL B 210 8.45 3.06 -1.23
N MET B 211 9.11 3.45 -2.28
CA MET B 211 10.52 3.88 -2.16
C MET B 211 10.62 5.16 -2.97
N LYS B 212 11.60 5.92 -2.60
CA LYS B 212 11.84 7.24 -3.27
C LYS B 212 13.04 7.11 -4.20
N SER B 213 12.87 7.18 -5.49
CA SER B 213 14.04 7.07 -6.39
C SER B 213 14.99 8.20 -6.06
N PRO B 214 16.23 7.89 -5.74
CA PRO B 214 17.25 8.93 -5.54
C PRO B 214 17.63 9.58 -6.86
N PHE B 215 17.13 8.99 -7.91
CA PHE B 215 17.43 9.49 -9.29
C PHE B 215 16.51 10.52 -9.83
N ASN B 216 15.25 10.38 -9.57
CA ASN B 216 14.30 11.41 -10.11
C ASN B 216 13.31 11.84 -9.03
N ASN B 217 13.78 11.83 -7.82
CA ASN B 217 12.95 12.21 -6.63
C ASN B 217 11.49 11.81 -6.59
N ARG B 218 11.13 10.72 -7.20
CA ARG B 218 9.69 10.31 -7.17
C ARG B 218 9.50 9.09 -6.34
N TRP B 219 8.28 8.92 -5.92
CA TRP B 219 7.92 7.76 -5.07
C TRP B 219 7.32 6.77 -5.99
N TYR B 220 7.76 5.57 -5.82
CA TYR B 220 7.29 4.45 -6.63
C TYR B 220 6.76 3.44 -5.67
N GLN B 221 5.77 2.74 -6.11
CA GLN B 221 5.18 1.72 -5.22
C GLN B 221 5.79 0.43 -5.70
N MET B 222 6.59 -0.17 -4.86
CA MET B 222 7.24 -1.46 -5.26
C MET B 222 6.44 -2.69 -4.79
N GLY B 223 5.87 -2.63 -3.62
CA GLY B 223 5.09 -3.79 -3.09
C GLY B 223 3.74 -3.38 -2.52
N ILE B 224 2.98 -4.38 -2.17
CA ILE B 224 1.62 -4.29 -1.57
C ILE B 224 1.75 -5.09 -0.27
N VAL B 225 1.02 -4.77 0.77
CA VAL B 225 1.10 -5.54 2.05
C VAL B 225 0.26 -6.76 1.73
N SER B 226 0.87 -7.91 1.84
CA SER B 226 0.16 -9.19 1.52
C SER B 226 -0.07 -10.08 2.72
N TRP B 227 0.99 -10.46 3.35
CA TRP B 227 0.83 -11.34 4.51
C TRP B 227 2.05 -11.34 5.40
N GLY B 228 1.95 -12.14 6.42
CA GLY B 228 3.04 -12.29 7.40
C GLY B 228 2.47 -13.22 8.44
N GLU B 229 3.27 -13.61 9.37
CA GLU B 229 2.81 -14.55 10.46
C GLU B 229 3.03 -13.73 11.75
N GLY B 230 1.98 -13.08 12.16
CA GLY B 230 2.04 -12.25 13.40
C GLY B 230 2.38 -10.83 12.98
N CYS B 231 2.68 -10.00 13.92
CA CYS B 231 3.04 -8.61 13.61
C CYS B 231 4.27 -8.23 14.44
N ASP B 232 5.38 -8.07 13.76
CA ASP B 232 6.63 -7.69 14.45
C ASP B 232 7.05 -8.82 15.39
N ARG B 233 7.21 -9.99 14.82
CA ARG B 233 7.63 -11.18 15.65
C ARG B 233 9.16 -11.22 15.44
N ASP B 234 9.98 -11.63 16.36
CA ASP B 234 11.43 -11.61 15.98
C ASP B 234 11.62 -12.87 15.18
N GLY B 235 12.42 -12.79 14.16
CA GLY B 235 12.69 -13.98 13.33
C GLY B 235 11.71 -14.14 12.19
N LYS B 236 10.76 -13.25 12.11
CA LYS B 236 9.76 -13.34 10.99
C LYS B 236 9.87 -12.03 10.23
N TYR B 237 9.29 -12.00 9.05
CA TYR B 237 9.34 -10.77 8.20
C TYR B 237 7.95 -10.62 7.53
N GLY B 238 7.78 -9.53 6.83
CA GLY B 238 6.47 -9.28 6.14
C GLY B 238 6.65 -9.53 4.68
N PHE B 239 5.65 -10.08 4.04
CA PHE B 239 5.81 -10.34 2.61
C PHE B 239 4.94 -9.41 1.89
N TYR B 240 5.40 -9.00 0.74
CA TYR B 240 4.62 -8.06 -0.10
C TYR B 240 4.51 -8.57 -1.53
N THR B 241 3.46 -8.22 -2.23
CA THR B 241 3.32 -8.68 -3.63
C THR B 241 4.35 -7.90 -4.41
N HIS B 242 4.84 -8.51 -5.43
CA HIS B 242 5.89 -7.86 -6.28
C HIS B 242 5.34 -7.05 -7.47
N VAL B 243 4.72 -5.94 -7.19
CA VAL B 243 4.12 -5.03 -8.23
C VAL B 243 4.83 -5.04 -9.59
N PHE B 244 6.11 -4.78 -9.62
CA PHE B 244 6.77 -4.78 -10.96
C PHE B 244 6.58 -6.14 -11.61
N ARG B 245 6.78 -7.16 -10.87
CA ARG B 245 6.62 -8.50 -11.46
C ARG B 245 5.25 -8.77 -11.96
N LEU B 246 4.27 -7.99 -11.54
CA LEU B 246 2.87 -8.23 -12.02
C LEU B 246 2.38 -6.99 -12.83
N LYS B 247 3.31 -6.13 -13.13
CA LYS B 247 2.97 -4.89 -13.89
C LYS B 247 2.31 -5.11 -15.24
N LYS B 248 2.71 -6.12 -15.96
CA LYS B 248 2.04 -6.28 -17.28
C LYS B 248 0.51 -6.55 -17.09
N TRP B 249 0.20 -7.24 -16.04
CA TRP B 249 -1.22 -7.56 -15.73
C TRP B 249 -1.87 -6.20 -15.55
N ILE B 250 -1.24 -5.42 -14.73
CA ILE B 250 -1.76 -4.08 -14.46
C ILE B 250 -2.13 -3.36 -15.76
N GLN B 251 -1.12 -3.15 -16.55
CA GLN B 251 -1.30 -2.44 -17.86
C GLN B 251 -2.43 -3.07 -18.63
N LYS B 252 -2.29 -4.33 -18.88
CA LYS B 252 -3.35 -5.03 -19.64
C LYS B 252 -4.77 -4.69 -19.14
N VAL B 253 -5.11 -4.86 -17.89
CA VAL B 253 -6.51 -4.52 -17.48
C VAL B 253 -6.74 -3.02 -17.58
N ILE B 254 -5.73 -2.24 -17.42
CA ILE B 254 -6.03 -0.79 -17.52
C ILE B 254 -6.36 -0.48 -18.99
N ASP B 255 -5.45 -0.69 -19.90
CA ASP B 255 -5.79 -0.37 -21.33
C ASP B 255 -6.89 -1.23 -21.90
N GLN B 256 -7.18 -2.34 -21.29
CA GLN B 256 -8.26 -3.20 -21.85
C GLN B 256 -9.62 -2.67 -21.33
N PHE B 257 -9.60 -2.08 -20.15
CA PHE B 257 -10.86 -1.56 -19.53
C PHE B 257 -10.89 -0.05 -19.20
N GLY B 258 -9.96 0.75 -19.65
CA GLY B 258 -10.03 2.22 -19.30
C GLY B 258 -8.67 2.85 -18.99
N GLU B 259 -8.65 3.80 -18.10
CA GLU B 259 -7.39 4.50 -17.70
C GLU B 259 -7.64 5.22 -16.37
N ASP C 1 -17.12 3.02 16.08
CA ASP C 1 -15.85 3.80 16.35
C ASP C 1 -15.66 4.82 15.21
N PHE C 2 -16.07 4.47 14.02
CA PHE C 2 -15.93 5.42 12.88
C PHE C 2 -17.07 6.40 13.01
N GLU C 3 -16.84 7.55 12.46
CA GLU C 3 -17.81 8.67 12.47
C GLU C 3 -18.63 8.48 11.20
N GLU C 4 -19.89 8.79 11.32
CA GLU C 4 -20.87 8.68 10.20
C GLU C 4 -20.33 9.44 8.99
N ILE C 5 -20.73 9.00 7.84
CA ILE C 5 -20.28 9.64 6.59
C ILE C 5 -21.57 10.03 5.86
N PRO C 6 -21.53 11.05 5.06
CA PRO C 6 -22.75 11.57 4.38
C PRO C 6 -23.55 10.51 3.58
N GLU C 7 -24.79 10.34 3.98
CA GLU C 7 -25.76 9.38 3.36
C GLU C 7 -25.62 9.30 1.85
N GLU C 8 -25.25 10.37 1.21
CA GLU C 8 -25.11 10.32 -0.29
C GLU C 8 -23.99 9.38 -0.74
N TYS C 9 -23.28 8.78 0.17
CA TYS C 9 -22.18 7.87 -0.25
CB TYS C 9 -20.99 8.11 0.59
CG TYS C 9 -20.39 9.49 0.31
CD1 TYS C 9 -19.98 9.82 -0.96
CD2 TYS C 9 -20.23 10.39 1.33
CE1 TYS C 9 -19.42 11.05 -1.21
CE2 TYS C 9 -19.67 11.62 1.08
CZ TYS C 9 -19.26 11.95 -0.19
OH TYS C 9 -18.70 13.19 -0.45
S TYS C 9 -17.37 13.37 -0.15
O1 TYS C 9 -17.02 14.75 -0.21
O2 TYS C 9 -16.97 12.89 1.14
O3 TYS C 9 -16.64 12.65 -1.15
C TYS C 9 -22.61 6.43 -0.09
O TYS C 9 -21.81 5.55 -0.32
H TYS C 9 -23.46 8.92 1.13
HA TYS C 9 -21.95 8.03 -1.30
HB2 TYS C 9 -20.25 7.36 0.37
HB3 TYS C 9 -21.25 8.04 1.64
HD1 TYS C 9 -20.10 9.11 -1.77
HD2 TYS C 9 -20.55 10.14 2.33
HE1 TYS C 9 -19.10 11.29 -2.22
HE2 TYS C 9 -19.54 12.32 1.89
N LEU C 10 -23.82 6.21 0.31
CA LEU C 10 -24.30 4.80 0.50
C LEU C 10 -25.35 4.62 -0.62
N GLN C 11 -26.41 5.37 -0.48
CA GLN C 11 -27.58 5.41 -1.42
C GLN C 11 -28.45 4.16 -1.16
NA NA D . 10.28 -9.43 12.58
C1 BEN E . 1.23 -8.71 8.17
C2 BEN E . 0.32 -9.50 8.87
C3 BEN E . -0.98 -9.65 8.41
C4 BEN E . -1.42 -9.01 7.27
C5 BEN E . -0.55 -8.23 6.57
C6 BEN E . 0.76 -8.08 7.01
C BEN E . 2.57 -8.56 8.60
N1 BEN E . 2.91 -9.05 9.75
N2 BEN E . 3.46 -7.94 7.85
H2 BEN E . 0.62 -10.02 9.76
H3 BEN E . -1.67 -10.27 8.97
H4 BEN E . -2.43 -9.13 6.93
H5 BEN E . -0.89 -7.72 5.67
H6 BEN E . 1.41 -7.45 6.44
HN1 BEN E . 2.19 -9.49 10.32
HN21 BEN E . 3.17 -7.60 6.94
HN22 BEN E . 4.41 -7.81 8.09
HN12 BEN E . 3.82 -9.06 10.12
#